data_2NCY
#
_entry.id   2NCY
#
_entity_poly.entity_id   1
_entity_poly.type   'polypeptide(L)'
_entity_poly.pdbx_seq_one_letter_code
;GLNALKKVFQPIHEAIKLINNHVQ
;
_entity_poly.pdbx_strand_id   A
#
# COMPACT_ATOMS: atom_id res chain seq x y z
N GLY A 1 8.06 2.99 -11.77
CA GLY A 1 9.21 2.69 -10.93
C GLY A 1 9.23 3.50 -9.65
N LEU A 2 8.06 3.67 -9.05
CA LEU A 2 7.94 4.42 -7.80
C LEU A 2 8.54 3.64 -6.64
N ASN A 3 9.61 4.18 -6.07
CA ASN A 3 10.28 3.54 -4.94
C ASN A 3 9.28 3.21 -3.83
N ALA A 4 8.32 4.11 -3.63
CA ALA A 4 7.30 3.92 -2.61
C ALA A 4 6.43 2.71 -2.92
N LEU A 5 6.02 2.59 -4.17
CA LEU A 5 5.17 1.48 -4.60
C LEU A 5 5.91 0.15 -4.46
N LYS A 6 7.19 0.15 -4.82
CA LYS A 6 8.01 -1.06 -4.73
C LYS A 6 8.40 -1.34 -3.28
N LYS A 7 8.43 -0.30 -2.46
CA LYS A 7 8.78 -0.44 -1.06
C LYS A 7 7.58 -0.89 -0.23
N VAL A 8 6.39 -0.55 -0.71
CA VAL A 8 5.16 -0.93 -0.02
C VAL A 8 4.57 -2.21 -0.62
N PHE A 9 4.94 -2.50 -1.86
CA PHE A 9 4.45 -3.69 -2.54
C PHE A 9 4.85 -4.96 -1.79
N GLN A 10 6.15 -5.08 -1.50
CA GLN A 10 6.67 -6.24 -0.79
C GLN A 10 5.89 -6.48 0.50
N PRO A 11 5.91 -5.49 1.40
CA PRO A 11 5.21 -5.57 2.68
C PRO A 11 3.71 -5.50 2.53
N ILE A 12 2.99 -5.63 3.65
CA ILE A 12 1.54 -5.59 3.63
C ILE A 12 1.02 -4.15 3.70
N HIS A 13 1.94 -3.20 3.60
CA HIS A 13 1.59 -1.78 3.65
C HIS A 13 0.52 -1.46 2.61
N GLU A 14 0.72 -1.96 1.40
CA GLU A 14 -0.21 -1.72 0.30
C GLU A 14 -1.64 -2.12 0.71
N ALA A 15 -1.77 -3.31 1.28
CA ALA A 15 -3.06 -3.81 1.71
C ALA A 15 -3.65 -2.94 2.82
N ILE A 16 -2.81 -2.56 3.77
CA ILE A 16 -3.25 -1.72 4.89
C ILE A 16 -3.86 -0.42 4.38
N LYS A 17 -3.03 0.40 3.75
CA LYS A 17 -3.49 1.69 3.22
C LYS A 17 -4.67 1.50 2.28
N LEU A 18 -4.61 0.43 1.47
CA LEU A 18 -5.69 0.14 0.52
C LEU A 18 -7.03 0.02 1.24
N ILE A 19 -7.19 -1.07 1.99
CA ILE A 19 -8.43 -1.29 2.74
C ILE A 19 -8.74 -0.13 3.66
N ASN A 20 -7.69 0.56 4.11
CA ASN A 20 -7.85 1.69 5.01
C ASN A 20 -8.65 2.81 4.34
N ASN A 21 -8.27 3.14 3.11
CA ASN A 21 -8.96 4.19 2.35
C ASN A 21 -10.19 3.63 1.64
N HIS A 22 -10.22 2.32 1.46
CA HIS A 22 -11.35 1.67 0.80
C HIS A 22 -12.57 1.62 1.71
N VAL A 23 -12.33 1.38 3.00
CA VAL A 23 -13.42 1.31 3.97
C VAL A 23 -14.26 2.58 3.95
N GLN A 24 -13.64 3.69 3.54
CA GLN A 24 -14.34 4.97 3.48
C GLN A 24 -15.51 4.89 2.51
N GLY A 1 7.73 2.65 -12.11
CA GLY A 1 8.83 2.32 -11.25
C GLY A 1 8.91 3.20 -10.02
N LEU A 2 7.77 3.37 -9.34
CA LEU A 2 7.70 4.19 -8.15
C LEU A 2 8.33 3.49 -6.96
N ASN A 3 9.43 4.04 -6.46
CA ASN A 3 10.12 3.46 -5.31
C ASN A 3 9.15 3.22 -4.15
N ALA A 4 8.19 4.12 -4.01
CA ALA A 4 7.19 4.02 -2.94
C ALA A 4 6.29 2.81 -3.15
N LEU A 5 5.81 2.64 -4.37
CA LEU A 5 4.93 1.52 -4.70
C LEU A 5 5.65 0.19 -4.50
N LYS A 6 6.92 0.14 -4.90
CA LYS A 6 7.72 -1.07 -4.76
C LYS A 6 8.15 -1.27 -3.31
N LYS A 7 8.28 -0.17 -2.58
CA LYS A 7 8.68 -0.23 -1.17
C LYS A 7 7.52 -0.63 -0.29
N VAL A 8 6.30 -0.32 -0.73
CA VAL A 8 5.10 -0.65 0.02
C VAL A 8 4.49 -1.96 -0.46
N PHE A 9 4.76 -2.30 -1.72
CA PHE A 9 4.23 -3.53 -2.32
C PHE A 9 4.70 -4.75 -1.53
N GLN A 10 6.01 -4.85 -1.31
CA GLN A 10 6.58 -5.97 -0.57
C GLN A 10 5.86 -6.16 0.76
N PRO A 11 5.92 -5.13 1.62
CA PRO A 11 5.29 -5.16 2.94
C PRO A 11 3.76 -5.13 2.86
N ILE A 12 3.11 -5.47 3.96
CA ILE A 12 1.65 -5.48 4.01
C ILE A 12 1.09 -4.07 4.19
N HIS A 13 1.99 -3.10 4.33
CA HIS A 13 1.59 -1.71 4.52
C HIS A 13 0.67 -1.26 3.39
N GLU A 14 1.02 -1.62 2.16
CA GLU A 14 0.22 -1.25 0.99
C GLU A 14 -1.23 -1.71 1.16
N ALA A 15 -1.40 -2.97 1.58
CA ALA A 15 -2.73 -3.52 1.78
C ALA A 15 -3.46 -2.80 2.90
N ILE A 16 -2.76 -2.54 3.98
CA ILE A 16 -3.35 -1.85 5.13
C ILE A 16 -3.93 -0.50 4.72
N LYS A 17 -3.06 0.40 4.30
CA LYS A 17 -3.48 1.74 3.88
C LYS A 17 -4.54 1.65 2.78
N LEU A 18 -4.33 0.74 1.84
CA LEU A 18 -5.27 0.56 0.74
C LEU A 18 -6.68 0.29 1.26
N ILE A 19 -6.85 -0.83 1.95
CA ILE A 19 -8.14 -1.21 2.52
C ILE A 19 -8.62 -0.15 3.51
N ASN A 20 -7.68 0.53 4.15
CA ASN A 20 -8.03 1.56 5.13
C ASN A 20 -8.79 2.70 4.47
N ASN A 21 -8.29 3.13 3.31
CA ASN A 21 -8.92 4.23 2.58
C ASN A 21 -10.05 3.70 1.68
N HIS A 22 -9.98 2.42 1.34
CA HIS A 22 -11.00 1.80 0.50
C HIS A 22 -12.30 1.61 1.27
N VAL A 23 -12.19 1.21 2.54
CA VAL A 23 -13.36 1.00 3.38
C VAL A 23 -14.22 2.26 3.45
N GLN A 24 -13.60 3.41 3.21
CA GLN A 24 -14.31 4.68 3.25
C GLN A 24 -15.37 4.74 2.16
N GLY A 1 8.01 2.60 -12.00
CA GLY A 1 9.11 2.40 -11.07
C GLY A 1 9.02 3.31 -9.86
N LEU A 2 7.84 3.37 -9.26
CA LEU A 2 7.62 4.20 -8.07
C LEU A 2 8.25 3.57 -6.84
N ASN A 3 9.27 4.23 -6.29
CA ASN A 3 9.95 3.73 -5.10
C ASN A 3 8.95 3.40 -4.00
N ALA A 4 7.96 4.26 -3.83
CA ALA A 4 6.93 4.07 -2.81
C ALA A 4 6.18 2.75 -3.03
N LEU A 5 5.78 2.51 -4.28
CA LEU A 5 5.06 1.30 -4.63
C LEU A 5 5.92 0.07 -4.40
N LYS A 6 7.21 0.20 -4.69
CA LYS A 6 8.16 -0.91 -4.52
C LYS A 6 8.51 -1.09 -3.05
N LYS A 7 8.35 -0.04 -2.27
CA LYS A 7 8.66 -0.08 -0.85
C LYS A 7 7.45 -0.59 -0.04
N VAL A 8 6.26 -0.36 -0.57
CA VAL A 8 5.04 -0.80 0.09
C VAL A 8 4.58 -2.16 -0.43
N PHE A 9 4.99 -2.48 -1.66
CA PHE A 9 4.62 -3.75 -2.27
C PHE A 9 5.10 -4.92 -1.43
N GLN A 10 6.38 -4.92 -1.08
CA GLN A 10 6.96 -5.99 -0.27
C GLN A 10 6.15 -6.21 1.00
N PRO A 11 6.05 -5.16 1.83
CA PRO A 11 5.30 -5.22 3.08
C PRO A 11 3.80 -5.31 2.86
N ILE A 12 3.04 -5.46 3.95
CA ILE A 12 1.59 -5.55 3.87
C ILE A 12 0.95 -4.17 3.87
N HIS A 13 1.79 -3.14 3.77
CA HIS A 13 1.30 -1.76 3.77
C HIS A 13 0.26 -1.56 2.65
N GLU A 14 0.48 -2.21 1.52
CA GLU A 14 -0.43 -2.11 0.40
C GLU A 14 -1.86 -2.46 0.81
N ALA A 15 -2.04 -3.72 1.22
CA ALA A 15 -3.36 -4.18 1.65
C ALA A 15 -3.90 -3.32 2.80
N ILE A 16 -3.02 -2.97 3.73
CA ILE A 16 -3.41 -2.15 4.86
C ILE A 16 -4.01 -0.83 4.42
N LYS A 17 -3.17 0.03 3.85
CA LYS A 17 -3.61 1.34 3.38
C LYS A 17 -4.77 1.19 2.40
N LEU A 18 -4.80 0.08 1.68
CA LEU A 18 -5.86 -0.18 0.71
C LEU A 18 -7.23 -0.23 1.40
N ILE A 19 -7.42 -1.24 2.25
CA ILE A 19 -8.68 -1.40 2.96
C ILE A 19 -8.94 -0.21 3.88
N ASN A 20 -7.86 0.42 4.35
CA ASN A 20 -7.99 1.56 5.24
C ASN A 20 -8.65 2.74 4.52
N ASN A 21 -8.21 2.99 3.29
CA ASN A 21 -8.76 4.09 2.49
C ASN A 21 -10.03 3.63 1.75
N HIS A 22 -10.19 2.32 1.63
CA HIS A 22 -11.36 1.76 0.95
C HIS A 22 -12.59 1.81 1.84
N VAL A 23 -12.38 1.57 3.14
CA VAL A 23 -13.48 1.58 4.10
C VAL A 23 -14.24 2.90 4.05
N GLN A 24 -13.55 3.95 3.62
CA GLN A 24 -14.17 5.27 3.52
C GLN A 24 -15.48 5.21 2.73
N GLY A 1 7.94 2.38 -12.06
CA GLY A 1 9.08 2.21 -11.17
C GLY A 1 9.02 3.14 -9.97
N LEU A 2 7.84 3.27 -9.38
CA LEU A 2 7.65 4.12 -8.22
C LEU A 2 8.27 3.51 -6.97
N ASN A 3 9.31 4.17 -6.45
CA ASN A 3 9.99 3.67 -5.26
C ASN A 3 9.00 3.40 -4.14
N ALA A 4 8.04 4.29 -3.97
CA ALA A 4 7.02 4.13 -2.93
C ALA A 4 6.25 2.83 -3.11
N LEU A 5 5.81 2.58 -4.34
CA LEU A 5 5.05 1.38 -4.64
C LEU A 5 5.90 0.13 -4.42
N LYS A 6 7.18 0.22 -4.73
CA LYS A 6 8.11 -0.88 -4.55
C LYS A 6 8.49 -1.06 -3.08
N LYS A 7 8.34 0.02 -2.31
CA LYS A 7 8.67 -0.01 -0.89
C LYS A 7 7.47 -0.50 -0.08
N VAL A 8 6.27 -0.25 -0.58
CA VAL A 8 5.05 -0.67 0.10
C VAL A 8 4.57 -2.02 -0.41
N PHE A 9 4.97 -2.37 -1.63
CA PHE A 9 4.59 -3.64 -2.22
C PHE A 9 5.05 -4.81 -1.36
N GLN A 10 6.33 -4.82 -1.02
CA GLN A 10 6.89 -5.89 -0.20
C GLN A 10 6.08 -6.09 1.07
N PRO A 11 6.00 -5.02 1.89
CA PRO A 11 5.25 -5.06 3.15
C PRO A 11 3.75 -5.13 2.93
N ILE A 12 2.99 -5.26 4.02
CA ILE A 12 1.54 -5.32 3.94
C ILE A 12 0.92 -3.94 3.92
N HIS A 13 1.77 -2.92 3.83
CA HIS A 13 1.31 -1.54 3.80
C HIS A 13 0.27 -1.33 2.69
N GLU A 14 0.48 -1.99 1.56
CA GLU A 14 -0.44 -1.88 0.43
C GLU A 14 -1.86 -2.22 0.85
N ALA A 15 -2.05 -3.45 1.34
CA ALA A 15 -3.36 -3.90 1.79
C ALA A 15 -3.90 -3.02 2.91
N ILE A 16 -3.02 -2.62 3.81
CA ILE A 16 -3.41 -1.77 4.94
C ILE A 16 -4.03 -0.47 4.45
N LYS A 17 -3.21 0.37 3.84
CA LYS A 17 -3.68 1.66 3.32
C LYS A 17 -4.86 1.46 2.37
N LEU A 18 -4.85 0.36 1.63
CA LEU A 18 -5.91 0.06 0.68
C LEU A 18 -7.26 -0.01 1.39
N ILE A 19 -7.43 -1.05 2.21
CA ILE A 19 -8.68 -1.23 2.96
C ILE A 19 -8.96 -0.02 3.84
N ASN A 20 -7.91 0.65 4.28
CA ASN A 20 -8.05 1.83 5.13
C ASN A 20 -8.81 2.94 4.42
N ASN A 21 -8.42 3.21 3.18
CA ASN A 21 -9.06 4.25 2.38
C ASN A 21 -10.29 3.71 1.67
N HIS A 22 -10.37 2.38 1.56
CA HIS A 22 -11.50 1.73 0.90
C HIS A 22 -12.72 1.73 1.81
N VAL A 23 -12.50 1.53 3.10
CA VAL A 23 -13.59 1.51 4.08
C VAL A 23 -14.42 2.78 4.00
N GLN A 24 -13.79 3.87 3.56
CA GLN A 24 -14.48 5.15 3.45
C GLN A 24 -15.72 5.02 2.56
N GLY A 1 7.02 3.01 -11.82
CA GLY A 1 8.26 2.69 -11.15
C GLY A 1 8.44 3.48 -9.86
N LEU A 2 7.34 3.68 -9.13
CA LEU A 2 7.38 4.43 -7.88
C LEU A 2 8.09 3.64 -6.79
N ASN A 3 9.24 4.14 -6.35
CA ASN A 3 10.01 3.48 -5.30
C ASN A 3 9.14 3.17 -4.10
N ALA A 4 8.37 4.16 -3.66
CA ALA A 4 7.49 4.00 -2.51
C ALA A 4 6.58 2.79 -2.69
N LEU A 5 5.91 2.72 -3.84
CA LEU A 5 5.01 1.62 -4.14
C LEU A 5 5.76 0.29 -4.15
N LYS A 6 6.99 0.30 -4.65
CA LYS A 6 7.80 -0.90 -4.71
C LYS A 6 8.31 -1.29 -3.33
N LYS A 7 8.37 -0.31 -2.43
CA LYS A 7 8.83 -0.55 -1.08
C LYS A 7 7.70 -1.06 -0.19
N VAL A 8 6.48 -0.61 -0.48
CA VAL A 8 5.31 -1.02 0.28
C VAL A 8 4.66 -2.25 -0.33
N PHE A 9 4.95 -2.49 -1.61
CA PHE A 9 4.40 -3.63 -2.32
C PHE A 9 4.80 -4.94 -1.65
N GLN A 10 6.09 -5.10 -1.42
CA GLN A 10 6.61 -6.30 -0.78
C GLN A 10 5.87 -6.61 0.51
N PRO A 11 5.94 -5.67 1.46
CA PRO A 11 5.27 -5.81 2.77
C PRO A 11 3.75 -5.72 2.65
N ILE A 12 3.07 -5.85 3.78
CA ILE A 12 1.61 -5.80 3.81
C ILE A 12 1.13 -4.35 3.90
N HIS A 13 2.06 -3.41 3.84
CA HIS A 13 1.72 -1.99 3.91
C HIS A 13 0.69 -1.63 2.85
N GLU A 14 0.91 -2.08 1.63
CA GLU A 14 -0.01 -1.80 0.53
C GLU A 14 -1.43 -2.23 0.88
N ALA A 15 -1.55 -3.41 1.48
CA ALA A 15 -2.86 -3.93 1.87
C ALA A 15 -3.50 -3.07 2.96
N ILE A 16 -2.71 -2.74 3.97
CA ILE A 16 -3.20 -1.91 5.08
C ILE A 16 -3.78 -0.60 4.56
N LYS A 17 -2.96 0.20 3.91
CA LYS A 17 -3.38 1.48 3.36
C LYS A 17 -4.54 1.30 2.37
N LEU A 18 -4.47 0.21 1.61
CA LEU A 18 -5.50 -0.09 0.62
C LEU A 18 -6.88 -0.13 1.27
N ILE A 19 -7.07 -1.06 2.19
CA ILE A 19 -8.34 -1.21 2.89
C ILE A 19 -8.64 0.02 3.73
N ASN A 20 -7.59 0.65 4.25
CA ASN A 20 -7.73 1.85 5.07
C ASN A 20 -8.43 2.97 4.30
N ASN A 21 -7.97 3.19 3.07
CA ASN A 21 -8.54 4.23 2.22
C ASN A 21 -9.77 3.72 1.48
N HIS A 22 -9.86 2.40 1.34
CA HIS A 22 -10.99 1.78 0.65
C HIS A 22 -12.26 1.89 1.48
N VAL A 23 -12.13 1.71 2.79
CA VAL A 23 -13.27 1.78 3.70
C VAL A 23 -14.00 3.11 3.54
N GLN A 24 -13.27 4.14 3.10
CA GLN A 24 -13.85 5.46 2.91
C GLN A 24 -14.79 5.48 1.71
N GLY A 1 8.07 2.69 -11.91
CA GLY A 1 9.19 2.46 -11.03
C GLY A 1 9.17 3.34 -9.80
N LEU A 2 7.98 3.50 -9.21
CA LEU A 2 7.82 4.32 -8.03
C LEU A 2 8.41 3.63 -6.80
N ASN A 3 9.46 4.22 -6.24
CA ASN A 3 10.11 3.67 -5.06
C ASN A 3 9.10 3.38 -3.96
N ALA A 4 8.13 4.27 -3.82
CA ALA A 4 7.10 4.10 -2.80
C ALA A 4 6.26 2.86 -3.05
N LEU A 5 5.87 2.66 -4.30
CA LEU A 5 5.08 1.49 -4.68
C LEU A 5 5.85 0.20 -4.45
N LYS A 6 7.13 0.22 -4.78
CA LYS A 6 7.99 -0.95 -4.60
C LYS A 6 8.36 -1.13 -3.14
N LYS A 7 8.29 -0.05 -2.37
CA LYS A 7 8.62 -0.09 -0.95
C LYS A 7 7.43 -0.60 -0.14
N VAL A 8 6.22 -0.30 -0.60
CA VAL A 8 5.01 -0.73 0.08
C VAL A 8 4.51 -2.05 -0.48
N PHE A 9 4.88 -2.36 -1.71
CA PHE A 9 4.47 -3.59 -2.37
C PHE A 9 4.91 -4.80 -1.56
N GLN A 10 6.19 -4.86 -1.23
CA GLN A 10 6.75 -5.96 -0.46
C GLN A 10 5.94 -6.20 0.81
N PRO A 11 5.88 -5.18 1.68
CA PRO A 11 5.13 -5.25 2.94
C PRO A 11 3.62 -5.28 2.73
N ILE A 12 2.88 -5.43 3.82
CA ILE A 12 1.43 -5.47 3.75
C ILE A 12 0.84 -4.07 3.78
N HIS A 13 1.71 -3.05 3.71
CA HIS A 13 1.27 -1.67 3.74
C HIS A 13 0.23 -1.41 2.67
N GLU A 14 0.42 -2.01 1.50
CA GLU A 14 -0.50 -1.84 0.38
C GLU A 14 -1.93 -2.19 0.80
N ALA A 15 -2.12 -3.42 1.27
CA ALA A 15 -3.43 -3.89 1.70
C ALA A 15 -3.96 -3.03 2.85
N ILE A 16 -3.08 -2.66 3.77
CA ILE A 16 -3.45 -1.85 4.91
C ILE A 16 -4.08 -0.53 4.46
N LYS A 17 -3.26 0.34 3.88
CA LYS A 17 -3.73 1.63 3.39
C LYS A 17 -4.89 1.47 2.43
N LEU A 18 -4.88 0.37 1.68
CA LEU A 18 -5.94 0.09 0.72
C LEU A 18 -7.30 0.02 1.41
N ILE A 19 -7.49 -0.99 2.24
CA ILE A 19 -8.75 -1.16 2.97
C ILE A 19 -9.02 0.03 3.88
N ASN A 20 -7.96 0.68 4.33
CA ASN A 20 -8.09 1.84 5.21
C ASN A 20 -8.81 2.98 4.50
N ASN A 21 -8.40 3.26 3.26
CA ASN A 21 -9.02 4.33 2.48
C ASN A 21 -10.26 3.82 1.76
N HIS A 22 -10.35 2.51 1.60
CA HIS A 22 -11.50 1.90 0.92
C HIS A 22 -12.71 1.85 1.85
N VAL A 23 -12.46 1.57 3.13
CA VAL A 23 -13.53 1.48 4.11
C VAL A 23 -14.35 2.76 4.14
N GLN A 24 -13.74 3.87 3.74
CA GLN A 24 -14.41 5.16 3.72
C GLN A 24 -15.71 5.08 2.92
N GLY A 1 7.38 2.96 -11.87
CA GLY A 1 8.57 2.67 -11.09
C GLY A 1 8.67 3.52 -9.84
N LEU A 2 7.54 3.71 -9.17
CA LEU A 2 7.50 4.51 -7.95
C LEU A 2 8.16 3.77 -6.80
N ASN A 3 9.27 4.32 -6.31
CA ASN A 3 10.00 3.71 -5.21
C ASN A 3 9.06 3.42 -4.03
N ALA A 4 8.15 4.36 -3.76
CA ALA A 4 7.21 4.22 -2.67
C ALA A 4 6.31 3.00 -2.88
N LEU A 5 5.82 2.83 -4.11
CA LEU A 5 4.95 1.70 -4.43
C LEU A 5 5.69 0.38 -4.27
N LYS A 6 6.93 0.33 -4.77
CA LYS A 6 7.74 -0.87 -4.67
C LYS A 6 8.21 -1.11 -3.23
N LYS A 7 8.26 -0.03 -2.46
CA LYS A 7 8.69 -0.12 -1.06
C LYS A 7 7.57 -0.68 -0.19
N VAL A 8 6.34 -0.27 -0.47
CA VAL A 8 5.18 -0.72 0.28
C VAL A 8 4.61 -2.02 -0.30
N PHE A 9 4.95 -2.28 -1.57
CA PHE A 9 4.47 -3.47 -2.25
C PHE A 9 4.89 -4.73 -1.50
N GLN A 10 6.19 -4.84 -1.21
CA GLN A 10 6.71 -6.00 -0.50
C GLN A 10 5.92 -6.26 0.78
N PRO A 11 5.93 -5.27 1.69
CA PRO A 11 5.23 -5.36 2.98
C PRO A 11 3.71 -5.33 2.80
N ILE A 12 2.99 -5.42 3.91
CA ILE A 12 1.54 -5.40 3.89
C ILE A 12 1.00 -3.96 3.90
N HIS A 13 1.92 -3.00 3.79
CA HIS A 13 1.54 -1.59 3.79
C HIS A 13 0.50 -1.31 2.71
N GLU A 14 0.72 -1.86 1.52
CA GLU A 14 -0.20 -1.66 0.42
C GLU A 14 -1.62 -2.06 0.80
N ALA A 15 -1.76 -3.24 1.42
CA ALA A 15 -3.05 -3.72 1.85
C ALA A 15 -3.66 -2.83 2.93
N ILE A 16 -2.81 -2.37 3.85
CA ILE A 16 -3.26 -1.51 4.93
C ILE A 16 -3.88 -0.22 4.39
N LYS A 17 -3.07 0.59 3.73
CA LYS A 17 -3.55 1.85 3.16
C LYS A 17 -4.71 1.60 2.21
N LEU A 18 -4.63 0.53 1.43
CA LEU A 18 -5.67 0.18 0.48
C LEU A 18 -7.03 0.07 1.17
N ILE A 19 -7.13 -0.87 2.10
CA ILE A 19 -8.38 -1.07 2.84
C ILE A 19 -8.72 0.15 3.69
N ASN A 20 -7.69 0.86 4.14
CA ASN A 20 -7.89 2.05 4.96
C ASN A 20 -8.72 3.09 4.21
N ASN A 21 -8.34 3.36 2.97
CA ASN A 21 -9.05 4.34 2.14
C ASN A 21 -10.25 3.69 1.45
N HIS A 22 -10.19 2.38 1.28
CA HIS A 22 -11.28 1.64 0.64
C HIS A 22 -12.54 1.68 1.50
N VAL A 23 -12.37 1.53 2.80
CA VAL A 23 -13.50 1.54 3.72
C VAL A 23 -14.32 2.82 3.56
N GLN A 24 -13.67 3.88 3.10
CA GLN A 24 -14.34 5.16 2.89
C GLN A 24 -15.29 5.11 1.70
N GLY A 1 8.75 2.38 -12.34
CA GLY A 1 9.73 2.07 -11.33
C GLY A 1 9.67 3.02 -10.15
N LEU A 2 8.49 3.11 -9.53
CA LEU A 2 8.30 3.99 -8.38
C LEU A 2 8.84 3.34 -7.10
N ASN A 3 9.88 3.94 -6.54
CA ASN A 3 10.49 3.41 -5.32
C ASN A 3 9.44 3.20 -4.24
N ALA A 4 8.45 4.09 -4.19
CA ALA A 4 7.39 3.99 -3.21
C ALA A 4 6.54 2.74 -3.43
N LEU A 5 6.15 2.51 -4.68
CA LEU A 5 5.33 1.35 -5.04
C LEU A 5 6.08 0.05 -4.73
N LYS A 6 7.39 0.05 -5.01
CA LYS A 6 8.22 -1.12 -4.77
C LYS A 6 8.52 -1.27 -3.29
N LYS A 7 8.53 -0.16 -2.57
CA LYS A 7 8.80 -0.17 -1.13
C LYS A 7 7.55 -0.55 -0.34
N VAL A 8 6.38 -0.30 -0.92
CA VAL A 8 5.12 -0.62 -0.27
C VAL A 8 4.58 -1.95 -0.77
N PHE A 9 4.99 -2.34 -1.97
CA PHE A 9 4.53 -3.61 -2.55
C PHE A 9 4.94 -4.78 -1.67
N GLN A 10 6.22 -4.85 -1.33
CA GLN A 10 6.73 -5.93 -0.48
C GLN A 10 5.89 -6.07 0.78
N PRO A 11 5.85 -5.00 1.59
CA PRO A 11 5.10 -4.99 2.84
C PRO A 11 3.59 -4.99 2.61
N ILE A 12 2.84 -5.32 3.66
CA ILE A 12 1.38 -5.36 3.57
C ILE A 12 0.78 -3.99 3.83
N HIS A 13 1.64 -2.99 3.96
CA HIS A 13 1.20 -1.63 4.21
C HIS A 13 0.19 -1.18 3.15
N GLU A 14 0.48 -1.51 1.90
CA GLU A 14 -0.40 -1.14 0.79
C GLU A 14 -1.83 -1.64 1.04
N ALA A 15 -1.94 -2.91 1.42
CA ALA A 15 -3.24 -3.51 1.69
C ALA A 15 -3.92 -2.84 2.89
N ILE A 16 -3.16 -2.61 3.95
CA ILE A 16 -3.68 -1.98 5.14
C ILE A 16 -4.34 -0.63 4.82
N LYS A 17 -3.53 0.30 4.33
CA LYS A 17 -4.03 1.63 3.97
C LYS A 17 -5.13 1.53 2.92
N LEU A 18 -4.98 0.58 2.01
CA LEU A 18 -5.97 0.38 0.96
C LEU A 18 -7.37 0.18 1.54
N ILE A 19 -7.55 -0.93 2.26
CA ILE A 19 -8.83 -1.23 2.87
C ILE A 19 -9.21 -0.18 3.91
N ASN A 20 -8.19 0.44 4.51
CA ASN A 20 -8.42 1.47 5.52
C ASN A 20 -9.12 2.68 4.91
N ASN A 21 -8.63 3.14 3.77
CA ASN A 21 -9.21 4.29 3.08
C ASN A 21 -10.38 3.86 2.20
N HIS A 22 -10.44 2.57 1.90
CA HIS A 22 -11.52 2.04 1.06
C HIS A 22 -12.77 1.78 1.89
N VAL A 23 -12.58 1.35 3.13
CA VAL A 23 -13.70 1.07 4.02
C VAL A 23 -14.62 2.27 4.15
N GLN A 24 -14.07 3.47 3.93
CA GLN A 24 -14.84 4.69 4.01
C GLN A 24 -15.13 5.26 2.64
N GLY A 1 7.06 3.15 -11.90
CA GLY A 1 8.17 2.76 -11.05
C GLY A 1 8.28 3.62 -9.81
N LEU A 2 7.19 3.70 -9.04
CA LEU A 2 7.17 4.49 -7.82
C LEU A 2 7.85 3.75 -6.67
N ASN A 3 8.98 4.28 -6.20
CA ASN A 3 9.73 3.68 -5.11
C ASN A 3 8.81 3.40 -3.92
N ALA A 4 7.85 4.29 -3.70
CA ALA A 4 6.91 4.13 -2.60
C ALA A 4 6.01 2.91 -2.80
N LEU A 5 5.47 2.78 -4.00
CA LEU A 5 4.60 1.65 -4.33
C LEU A 5 5.34 0.33 -4.21
N LYS A 6 6.59 0.32 -4.66
CA LYS A 6 7.42 -0.88 -4.60
C LYS A 6 7.92 -1.13 -3.19
N LYS A 7 8.06 -0.06 -2.41
CA LYS A 7 8.53 -0.16 -1.04
C LYS A 7 7.41 -0.61 -0.12
N VAL A 8 6.17 -0.30 -0.49
CA VAL A 8 5.01 -0.66 0.30
C VAL A 8 4.38 -1.97 -0.20
N PHE A 9 4.61 -2.26 -1.48
CA PHE A 9 4.08 -3.47 -2.09
C PHE A 9 4.58 -4.72 -1.36
N GLN A 10 5.90 -4.80 -1.20
CA GLN A 10 6.51 -5.94 -0.53
C GLN A 10 5.87 -6.18 0.83
N PRO A 11 5.95 -5.18 1.72
CA PRO A 11 5.38 -5.26 3.06
C PRO A 11 3.85 -5.24 3.04
N ILE A 12 3.25 -5.44 4.21
CA ILE A 12 1.80 -5.46 4.33
C ILE A 12 1.23 -4.04 4.32
N HIS A 13 2.12 -3.06 4.29
CA HIS A 13 1.72 -1.65 4.27
C HIS A 13 0.75 -1.38 3.12
N GLU A 14 1.07 -1.93 1.94
CA GLU A 14 0.23 -1.74 0.77
C GLU A 14 -1.20 -2.17 1.04
N ALA A 15 -1.35 -3.34 1.66
CA ALA A 15 -2.67 -3.87 1.99
C ALA A 15 -3.38 -2.99 3.01
N ILE A 16 -2.65 -2.58 4.03
CA ILE A 16 -3.20 -1.73 5.07
C ILE A 16 -3.81 -0.45 4.49
N LYS A 17 -2.96 0.38 3.88
CA LYS A 17 -3.40 1.63 3.27
C LYS A 17 -4.48 1.37 2.22
N LEU A 18 -4.32 0.29 1.47
CA LEU A 18 -5.28 -0.07 0.43
C LEU A 18 -6.69 -0.18 1.02
N ILE A 19 -6.82 -0.98 2.07
CA ILE A 19 -8.11 -1.17 2.72
C ILE A 19 -8.56 0.09 3.45
N ASN A 20 -7.63 0.71 4.17
CA ASN A 20 -7.94 1.93 4.91
C ASN A 20 -8.51 2.99 3.99
N ASN A 21 -7.96 3.09 2.79
CA ASN A 21 -8.41 4.07 1.81
C ASN A 21 -9.60 3.53 1.02
N HIS A 22 -9.68 2.21 0.90
CA HIS A 22 -10.77 1.57 0.18
C HIS A 22 -12.08 1.69 0.95
N VAL A 23 -12.00 1.56 2.27
CA VAL A 23 -13.18 1.64 3.13
C VAL A 23 -13.93 2.95 2.89
N GLN A 24 -13.18 4.01 2.63
CA GLN A 24 -13.78 5.32 2.38
C GLN A 24 -14.22 5.45 0.92
N GLY A 1 8.41 2.65 -11.96
CA GLY A 1 9.52 2.45 -11.05
C GLY A 1 9.42 3.34 -9.81
N LEU A 2 8.22 3.45 -9.25
CA LEU A 2 8.00 4.27 -8.07
C LEU A 2 8.58 3.61 -6.83
N ASN A 3 9.61 4.24 -6.26
CA ASN A 3 10.26 3.72 -5.06
C ASN A 3 9.23 3.41 -3.98
N ALA A 4 8.25 4.28 -3.83
CA ALA A 4 7.21 4.09 -2.83
C ALA A 4 6.43 2.80 -3.08
N LEU A 5 6.02 2.59 -4.32
CA LEU A 5 5.28 1.39 -4.69
C LEU A 5 6.12 0.13 -4.48
N LYS A 6 7.41 0.25 -4.74
CA LYS A 6 8.33 -0.88 -4.57
C LYS A 6 8.65 -1.11 -3.10
N LYS A 7 8.52 -0.05 -2.31
CA LYS A 7 8.79 -0.12 -0.88
C LYS A 7 7.56 -0.62 -0.12
N VAL A 8 6.39 -0.36 -0.67
CA VAL A 8 5.14 -0.79 -0.05
C VAL A 8 4.67 -2.13 -0.61
N PHE A 9 5.11 -2.44 -1.82
CA PHE A 9 4.74 -3.69 -2.46
C PHE A 9 5.17 -4.89 -1.63
N GLN A 10 6.44 -4.92 -1.26
CA GLN A 10 6.98 -6.01 -0.46
C GLN A 10 6.14 -6.24 0.79
N PRO A 11 6.06 -5.20 1.64
CA PRO A 11 5.28 -5.27 2.89
C PRO A 11 3.77 -5.31 2.63
N ILE A 12 3.00 -5.48 3.69
CA ILE A 12 1.55 -5.55 3.58
C ILE A 12 0.94 -4.15 3.62
N HIS A 13 1.79 -3.13 3.56
CA HIS A 13 1.34 -1.75 3.58
C HIS A 13 0.31 -1.49 2.48
N GLU A 14 0.52 -2.12 1.32
CA GLU A 14 -0.39 -1.97 0.20
C GLU A 14 -1.81 -2.31 0.59
N ALA A 15 -2.04 -3.58 0.92
CA ALA A 15 -3.36 -4.04 1.31
C ALA A 15 -3.91 -3.22 2.47
N ILE A 16 -3.05 -2.93 3.46
CA ILE A 16 -3.45 -2.15 4.61
C ILE A 16 -4.05 -0.81 4.19
N LYS A 17 -3.23 0.03 3.58
CA LYS A 17 -3.68 1.34 3.12
C LYS A 17 -4.89 1.21 2.21
N LEU A 18 -4.95 0.11 1.46
CA LEU A 18 -6.06 -0.14 0.54
C LEU A 18 -7.39 -0.18 1.30
N ILE A 19 -7.53 -1.18 2.16
CA ILE A 19 -8.76 -1.34 2.94
C ILE A 19 -9.01 -0.12 3.82
N ASN A 20 -7.94 0.43 4.38
CA ASN A 20 -8.04 1.60 5.24
C ASN A 20 -8.67 2.78 4.49
N ASN A 21 -8.27 2.97 3.24
CA ASN A 21 -8.80 4.05 2.42
C ASN A 21 -10.12 3.63 1.77
N HIS A 22 -10.36 2.32 1.70
CA HIS A 22 -11.58 1.81 1.10
C HIS A 22 -12.75 1.91 2.07
N VAL A 23 -12.47 1.62 3.34
CA VAL A 23 -13.49 1.69 4.38
C VAL A 23 -14.19 3.03 4.39
N GLN A 24 -13.41 4.10 4.24
CA GLN A 24 -13.95 5.46 4.23
C GLN A 24 -14.47 5.83 2.84
N GLY A 1 7.83 2.37 -12.21
CA GLY A 1 8.93 2.07 -11.31
C GLY A 1 8.98 3.01 -10.12
N LEU A 2 7.84 3.19 -9.47
CA LEU A 2 7.74 4.07 -8.31
C LEU A 2 8.35 3.42 -7.08
N ASN A 3 9.44 3.99 -6.58
CA ASN A 3 10.12 3.46 -5.40
C ASN A 3 9.14 3.25 -4.25
N ALA A 4 8.17 4.16 -4.16
CA ALA A 4 7.17 4.09 -3.10
C ALA A 4 6.27 2.87 -3.27
N LEU A 5 5.80 2.65 -4.49
CA LEU A 5 4.94 1.51 -4.79
C LEU A 5 5.66 0.19 -4.53
N LYS A 6 6.93 0.14 -4.91
CA LYS A 6 7.73 -1.06 -4.72
C LYS A 6 8.15 -1.21 -3.26
N LYS A 7 8.26 -0.08 -2.55
CA LYS A 7 8.65 -0.08 -1.15
C LYS A 7 7.47 -0.47 -0.27
N VAL A 8 6.26 -0.18 -0.74
CA VAL A 8 5.05 -0.49 0.01
C VAL A 8 4.46 -1.82 -0.44
N PHE A 9 4.74 -2.20 -1.68
CA PHE A 9 4.24 -3.45 -2.24
C PHE A 9 4.70 -4.65 -1.40
N GLN A 10 6.01 -4.72 -1.16
CA GLN A 10 6.57 -5.81 -0.37
C GLN A 10 5.84 -5.96 0.95
N PRO A 11 5.87 -4.90 1.77
CA PRO A 11 5.22 -4.88 3.09
C PRO A 11 3.70 -4.87 2.97
N ILE A 12 3.03 -5.19 4.08
CA ILE A 12 1.58 -5.20 4.11
C ILE A 12 1.01 -3.80 4.26
N HIS A 13 1.89 -2.81 4.38
CA HIS A 13 1.49 -1.42 4.53
C HIS A 13 0.55 -1.01 3.39
N GLU A 14 0.91 -1.37 2.16
CA GLU A 14 0.12 -1.04 0.99
C GLU A 14 -1.32 -1.53 1.16
N ALA A 15 -1.46 -2.79 1.59
CA ALA A 15 -2.78 -3.38 1.79
C ALA A 15 -3.54 -2.66 2.90
N ILE A 16 -2.83 -2.31 3.97
CA ILE A 16 -3.44 -1.62 5.10
C ILE A 16 -4.05 -0.28 4.66
N LYS A 17 -3.20 0.63 4.22
CA LYS A 17 -3.65 1.95 3.77
C LYS A 17 -4.71 1.81 2.68
N LEU A 18 -4.49 0.90 1.75
CA LEU A 18 -5.41 0.66 0.66
C LEU A 18 -6.81 0.37 1.19
N ILE A 19 -6.96 -0.75 1.88
CA ILE A 19 -8.24 -1.14 2.45
C ILE A 19 -8.75 -0.10 3.43
N ASN A 20 -7.82 0.65 4.03
CA ASN A 20 -8.17 1.68 4.99
C ASN A 20 -8.98 2.80 4.32
N ASN A 21 -8.49 3.26 3.18
CA ASN A 21 -9.15 4.33 2.44
C ASN A 21 -10.23 3.77 1.53
N HIS A 22 -10.16 2.47 1.27
CA HIS A 22 -11.15 1.80 0.41
C HIS A 22 -12.40 1.44 1.20
N VAL A 23 -12.22 1.07 2.47
CA VAL A 23 -13.33 0.70 3.33
C VAL A 23 -14.37 1.81 3.38
N GLN A 24 -13.93 3.05 3.15
CA GLN A 24 -14.83 4.19 3.17
C GLN A 24 -15.13 4.67 1.76
N GLY A 1 11.47 1.92 -11.29
CA GLY A 1 10.09 2.29 -11.06
C GLY A 1 9.92 3.12 -9.80
N LEU A 2 8.67 3.46 -9.49
CA LEU A 2 8.38 4.26 -8.30
C LEU A 2 8.89 3.57 -7.03
N ASN A 3 9.94 4.13 -6.45
CA ASN A 3 10.52 3.56 -5.24
C ASN A 3 9.46 3.34 -4.17
N ALA A 4 8.47 4.22 -4.15
CA ALA A 4 7.37 4.12 -3.18
C ALA A 4 6.54 2.87 -3.43
N LEU A 5 6.18 2.64 -4.68
CA LEU A 5 5.38 1.47 -5.05
C LEU A 5 6.14 0.18 -4.77
N LYS A 6 7.44 0.19 -5.06
CA LYS A 6 8.28 -0.98 -4.84
C LYS A 6 8.60 -1.15 -3.36
N LYS A 7 8.58 -0.05 -2.62
CA LYS A 7 8.85 -0.09 -1.19
C LYS A 7 7.61 -0.48 -0.40
N VAL A 8 6.44 -0.20 -0.97
CA VAL A 8 5.17 -0.52 -0.33
C VAL A 8 4.63 -1.85 -0.82
N PHE A 9 5.05 -2.24 -2.03
CA PHE A 9 4.60 -3.50 -2.62
C PHE A 9 4.98 -4.69 -1.74
N GLN A 10 6.26 -4.75 -1.38
CA GLN A 10 6.76 -5.84 -0.53
C GLN A 10 5.92 -5.98 0.72
N PRO A 11 5.88 -4.91 1.53
CA PRO A 11 5.12 -4.89 2.79
C PRO A 11 3.61 -4.89 2.54
N ILE A 12 2.84 -5.23 3.58
CA ILE A 12 1.40 -5.27 3.48
C ILE A 12 0.79 -3.88 3.74
N HIS A 13 1.66 -2.89 3.87
CA HIS A 13 1.22 -1.52 4.13
C HIS A 13 0.22 -1.07 3.06
N GLU A 14 0.51 -1.40 1.81
CA GLU A 14 -0.36 -1.03 0.70
C GLU A 14 -1.79 -1.52 0.94
N ALA A 15 -1.91 -2.79 1.31
CA ALA A 15 -3.21 -3.38 1.57
C ALA A 15 -3.89 -2.73 2.76
N ILE A 16 -3.10 -2.46 3.80
CA ILE A 16 -3.62 -1.83 5.02
C ILE A 16 -4.30 -0.51 4.70
N LYS A 17 -3.53 0.44 4.19
CA LYS A 17 -4.06 1.76 3.84
C LYS A 17 -5.13 1.64 2.77
N LEU A 18 -4.99 0.65 1.89
CA LEU A 18 -5.95 0.43 0.82
C LEU A 18 -7.35 0.22 1.37
N ILE A 19 -7.54 -0.90 2.07
CA ILE A 19 -8.82 -1.23 2.66
C ILE A 19 -9.22 -0.20 3.72
N ASN A 20 -8.24 0.27 4.47
CA ASN A 20 -8.49 1.26 5.51
C ASN A 20 -9.16 2.50 4.94
N ASN A 21 -8.71 2.92 3.75
CA ASN A 21 -9.27 4.09 3.08
C ASN A 21 -10.52 3.73 2.29
N HIS A 22 -10.60 2.47 1.86
CA HIS A 22 -11.74 2.00 1.08
C HIS A 22 -12.96 1.85 1.97
N VAL A 23 -12.76 1.37 3.19
CA VAL A 23 -13.86 1.19 4.14
C VAL A 23 -14.64 2.49 4.33
N GLN A 24 -13.94 3.61 4.23
CA GLN A 24 -14.57 4.91 4.41
C GLN A 24 -15.79 5.06 3.49
N GLY A 1 7.63 3.17 -11.90
CA GLY A 1 8.73 2.74 -11.06
C GLY A 1 8.84 3.55 -9.78
N LEU A 2 7.73 3.67 -9.06
CA LEU A 2 7.69 4.42 -7.81
C LEU A 2 8.32 3.62 -6.68
N ASN A 3 9.44 4.11 -6.17
CA ASN A 3 10.15 3.44 -5.08
C ASN A 3 9.19 3.14 -3.92
N ALA A 4 8.27 4.07 -3.67
CA ALA A 4 7.30 3.91 -2.60
C ALA A 4 6.37 2.73 -2.87
N LEU A 5 5.89 2.62 -4.11
CA LEU A 5 5.00 1.54 -4.50
C LEU A 5 5.70 0.18 -4.40
N LYS A 6 6.95 0.15 -4.82
CA LYS A 6 7.74 -1.08 -4.77
C LYS A 6 8.19 -1.39 -3.35
N LYS A 7 8.31 -0.35 -2.53
CA LYS A 7 8.73 -0.50 -1.14
C LYS A 7 7.54 -0.92 -0.26
N VAL A 8 6.34 -0.53 -0.68
CA VAL A 8 5.14 -0.85 0.06
C VAL A 8 4.47 -2.11 -0.48
N PHE A 9 4.73 -2.41 -1.75
CA PHE A 9 4.16 -3.58 -2.39
C PHE A 9 4.57 -4.86 -1.67
N GLN A 10 5.88 -5.02 -1.46
CA GLN A 10 6.41 -6.19 -0.78
C GLN A 10 5.69 -6.41 0.55
N PRO A 11 5.78 -5.42 1.45
CA PRO A 11 5.17 -5.49 2.77
C PRO A 11 3.64 -5.40 2.70
N ILE A 12 2.99 -5.49 3.84
CA ILE A 12 1.53 -5.43 3.91
C ILE A 12 1.05 -3.98 3.98
N HIS A 13 2.00 -3.04 3.88
CA HIS A 13 1.67 -1.62 3.92
C HIS A 13 0.64 -1.27 2.85
N GLU A 14 0.87 -1.73 1.63
CA GLU A 14 -0.04 -1.46 0.53
C GLU A 14 -1.46 -1.91 0.87
N ALA A 15 -1.57 -3.12 1.41
CA ALA A 15 -2.88 -3.67 1.78
C ALA A 15 -3.52 -2.84 2.89
N ILE A 16 -2.70 -2.38 3.82
CA ILE A 16 -3.19 -1.57 4.94
C ILE A 16 -3.82 -0.26 4.44
N LYS A 17 -2.99 0.59 3.84
CA LYS A 17 -3.46 1.87 3.32
C LYS A 17 -4.61 1.66 2.35
N LEU A 18 -4.52 0.63 1.52
CA LEU A 18 -5.55 0.33 0.55
C LEU A 18 -6.90 0.11 1.24
N ILE A 19 -6.99 -0.98 2.00
CA ILE A 19 -8.24 -1.30 2.71
C ILE A 19 -8.68 -0.13 3.59
N ASN A 20 -7.70 0.64 4.09
CA ASN A 20 -8.00 1.78 4.94
C ASN A 20 -8.84 2.81 4.20
N ASN A 21 -8.34 3.25 3.05
CA ASN A 21 -9.05 4.25 2.24
C ASN A 21 -10.15 3.58 1.41
N HIS A 22 -10.16 2.25 1.40
CA HIS A 22 -11.16 1.50 0.66
C HIS A 22 -12.43 1.32 1.47
N VAL A 23 -12.28 1.21 2.79
CA VAL A 23 -13.42 1.04 3.68
C VAL A 23 -14.34 2.25 3.63
N GLN A 24 -13.80 3.39 3.21
CA GLN A 24 -14.58 4.62 3.12
C GLN A 24 -15.86 4.39 2.33
N GLY A 1 9.73 2.36 -11.73
CA GLY A 1 8.44 2.70 -11.14
C GLY A 1 8.59 3.44 -9.83
N LEU A 2 7.46 3.87 -9.27
CA LEU A 2 7.46 4.59 -8.00
C LEU A 2 8.16 3.77 -6.91
N ASN A 3 9.35 4.23 -6.52
CA ASN A 3 10.12 3.55 -5.48
C ASN A 3 9.27 3.30 -4.24
N ALA A 4 8.53 4.34 -3.82
CA ALA A 4 7.68 4.24 -2.64
C ALA A 4 6.74 3.05 -2.75
N LEU A 5 6.03 2.95 -3.88
CA LEU A 5 5.10 1.86 -4.11
C LEU A 5 5.82 0.51 -4.10
N LYS A 6 7.00 0.47 -4.69
CA LYS A 6 7.79 -0.75 -4.75
C LYS A 6 8.32 -1.12 -3.37
N LYS A 7 8.43 -0.12 -2.50
CA LYS A 7 8.93 -0.34 -1.15
C LYS A 7 7.81 -0.82 -0.23
N VAL A 8 6.61 -0.31 -0.45
CA VAL A 8 5.45 -0.70 0.35
C VAL A 8 4.77 -1.94 -0.22
N PHE A 9 5.06 -2.24 -1.48
CA PHE A 9 4.49 -3.40 -2.14
C PHE A 9 4.91 -4.70 -1.44
N GLN A 10 6.21 -4.83 -1.20
CA GLN A 10 6.75 -6.02 -0.54
C GLN A 10 5.99 -6.31 0.75
N PRO A 11 6.03 -5.35 1.69
CA PRO A 11 5.35 -5.47 2.99
C PRO A 11 3.84 -5.42 2.85
N ILE A 12 3.14 -5.52 3.99
CA ILE A 12 1.69 -5.48 4.00
C ILE A 12 1.18 -4.05 4.02
N HIS A 13 2.09 -3.09 3.94
CA HIS A 13 1.74 -1.68 3.95
C HIS A 13 0.70 -1.37 2.88
N GLU A 14 0.95 -1.86 1.67
CA GLU A 14 0.04 -1.64 0.55
C GLU A 14 -1.38 -2.08 0.90
N ALA A 15 -1.47 -3.25 1.54
CA ALA A 15 -2.77 -3.79 1.93
C ALA A 15 -3.42 -2.93 3.00
N ILE A 16 -2.63 -2.45 3.94
CA ILE A 16 -3.14 -1.61 5.02
C ILE A 16 -3.77 -0.33 4.46
N LYS A 17 -2.96 0.47 3.79
CA LYS A 17 -3.43 1.73 3.21
C LYS A 17 -4.59 1.47 2.24
N LEU A 18 -4.46 0.42 1.44
CA LEU A 18 -5.50 0.06 0.47
C LEU A 18 -6.84 -0.10 1.16
N ILE A 19 -6.94 -1.07 2.06
CA ILE A 19 -8.17 -1.33 2.78
C ILE A 19 -8.56 -0.14 3.65
N ASN A 20 -7.56 0.61 4.09
CA ASN A 20 -7.78 1.77 4.94
C ASN A 20 -8.65 2.81 4.22
N ASN A 21 -8.28 3.12 2.98
CA ASN A 21 -9.01 4.09 2.19
C ASN A 21 -10.18 3.43 1.47
N HIS A 22 -10.07 2.13 1.24
CA HIS A 22 -11.12 1.38 0.57
C HIS A 22 -12.39 1.33 1.42
N VAL A 23 -12.21 1.11 2.72
CA VAL A 23 -13.34 1.03 3.64
C VAL A 23 -14.19 2.29 3.56
N GLN A 24 -13.57 3.39 3.15
CA GLN A 24 -14.28 4.67 3.03
C GLN A 24 -15.01 4.76 1.69
N GLY A 1 8.24 2.73 -11.99
CA GLY A 1 9.36 2.50 -11.10
C GLY A 1 9.32 3.40 -9.87
N LEU A 2 8.12 3.57 -9.31
CA LEU A 2 7.95 4.41 -8.13
C LEU A 2 8.53 3.74 -6.89
N ASN A 3 9.57 4.34 -6.33
CA ASN A 3 10.22 3.81 -5.14
C ASN A 3 9.19 3.53 -4.05
N ALA A 4 8.22 4.43 -3.91
CA ALA A 4 7.17 4.29 -2.90
C ALA A 4 6.35 3.02 -3.14
N LEU A 5 5.96 2.82 -4.40
CA LEU A 5 5.16 1.65 -4.77
C LEU A 5 5.93 0.36 -4.51
N LYS A 6 7.22 0.37 -4.82
CA LYS A 6 8.07 -0.80 -4.61
C LYS A 6 8.42 -0.96 -3.14
N LYS A 7 8.34 0.14 -2.39
CA LYS A 7 8.65 0.12 -0.96
C LYS A 7 7.46 -0.39 -0.16
N VAL A 8 6.26 -0.11 -0.64
CA VAL A 8 5.04 -0.54 0.03
C VAL A 8 4.55 -1.87 -0.52
N PHE A 9 4.95 -2.18 -1.75
CA PHE A 9 4.55 -3.42 -2.39
C PHE A 9 5.00 -4.63 -1.58
N GLN A 10 6.28 -4.67 -1.25
CA GLN A 10 6.83 -5.77 -0.47
C GLN A 10 6.02 -6.00 0.81
N PRO A 11 5.95 -4.98 1.66
CA PRO A 11 5.21 -5.05 2.92
C PRO A 11 3.70 -5.08 2.71
N ILE A 12 2.96 -5.23 3.79
CA ILE A 12 1.50 -5.28 3.72
C ILE A 12 0.90 -3.87 3.75
N HIS A 13 1.76 -2.87 3.65
CA HIS A 13 1.32 -1.48 3.67
C HIS A 13 0.27 -1.23 2.58
N GLU A 14 0.47 -1.87 1.42
CA GLU A 14 -0.46 -1.72 0.31
C GLU A 14 -1.89 -2.07 0.73
N ALA A 15 -2.08 -3.29 1.22
CA ALA A 15 -3.38 -3.75 1.66
C ALA A 15 -3.90 -2.89 2.80
N ILE A 16 -3.00 -2.48 3.69
CA ILE A 16 -3.36 -1.66 4.83
C ILE A 16 -3.97 -0.33 4.39
N LYS A 17 -3.13 0.52 3.80
CA LYS A 17 -3.59 1.82 3.33
C LYS A 17 -4.78 1.68 2.38
N LEU A 18 -4.78 0.59 1.61
CA LEU A 18 -5.86 0.32 0.66
C LEU A 18 -7.19 0.18 1.39
N ILE A 19 -7.36 -0.93 2.11
CA ILE A 19 -8.58 -1.19 2.86
C ILE A 19 -8.91 -0.04 3.79
N ASN A 20 -7.89 0.51 4.44
CA ASN A 20 -8.06 1.63 5.36
C ASN A 20 -8.72 2.81 4.66
N ASN A 21 -8.24 3.12 3.46
CA ASN A 21 -8.79 4.24 2.69
C ASN A 21 -10.04 3.81 1.94
N HIS A 22 -10.28 2.50 1.87
CA HIS A 22 -11.45 1.97 1.19
C HIS A 22 -12.66 1.94 2.12
N VAL A 23 -12.42 1.61 3.38
CA VAL A 23 -13.49 1.54 4.37
C VAL A 23 -14.21 2.89 4.50
N GLN A 24 -13.53 3.95 4.07
CA GLN A 24 -14.11 5.29 4.13
C GLN A 24 -15.51 5.31 3.53
N GLY A 1 8.17 3.52 -11.82
CA GLY A 1 9.23 3.13 -10.90
C GLY A 1 9.20 3.95 -9.62
N LEU A 2 8.04 4.00 -8.98
CA LEU A 2 7.89 4.76 -7.73
C LEU A 2 8.48 3.99 -6.55
N ASN A 3 9.55 4.54 -5.97
CA ASN A 3 10.20 3.90 -4.84
C ASN A 3 9.20 3.57 -3.74
N ALA A 4 8.20 4.43 -3.59
CA ALA A 4 7.17 4.23 -2.57
C ALA A 4 6.32 3.00 -2.89
N LEU A 5 5.89 2.89 -4.15
CA LEU A 5 5.08 1.77 -4.59
C LEU A 5 5.83 0.46 -4.43
N LYS A 6 7.11 0.46 -4.79
CA LYS A 6 7.95 -0.72 -4.68
C LYS A 6 8.32 -1.00 -3.24
N LYS A 7 8.36 0.05 -2.43
CA LYS A 7 8.71 -0.08 -1.01
C LYS A 7 7.52 -0.59 -0.20
N VAL A 8 6.31 -0.28 -0.68
CA VAL A 8 5.09 -0.72 -0.01
C VAL A 8 4.55 -1.99 -0.62
N PHE A 9 4.94 -2.26 -1.87
CA PHE A 9 4.49 -3.45 -2.57
C PHE A 9 4.93 -4.72 -1.84
N GLN A 10 6.22 -4.81 -1.55
CA GLN A 10 6.77 -5.96 -0.86
C GLN A 10 5.99 -6.24 0.44
N PRO A 11 5.99 -5.27 1.35
CA PRO A 11 5.30 -5.38 2.63
C PRO A 11 3.78 -5.36 2.47
N ILE A 12 3.07 -5.51 3.59
CA ILE A 12 1.62 -5.50 3.57
C ILE A 12 1.07 -4.08 3.65
N HIS A 13 1.97 -3.10 3.56
CA HIS A 13 1.58 -1.70 3.63
C HIS A 13 0.52 -1.38 2.58
N GLU A 14 0.73 -1.88 1.37
CA GLU A 14 -0.21 -1.65 0.27
C GLU A 14 -1.62 -2.08 0.67
N ALA A 15 -1.74 -3.28 1.24
CA ALA A 15 -3.03 -3.81 1.67
C ALA A 15 -3.62 -2.96 2.78
N ILE A 16 -2.78 -2.56 3.73
CA ILE A 16 -3.22 -1.75 4.85
C ILE A 16 -3.89 -0.46 4.38
N LYS A 17 -3.12 0.38 3.70
CA LYS A 17 -3.64 1.65 3.17
C LYS A 17 -4.82 1.41 2.25
N LEU A 18 -4.74 0.33 1.46
CA LEU A 18 -5.80 -0.01 0.52
C LEU A 18 -7.14 -0.12 1.23
N ILE A 19 -7.27 -1.10 2.12
CA ILE A 19 -8.50 -1.31 2.86
C ILE A 19 -8.85 -0.09 3.70
N ASN A 20 -7.82 0.60 4.18
CA ASN A 20 -8.01 1.80 5.00
C ASN A 20 -8.89 2.82 4.27
N ASN A 21 -8.35 3.40 3.21
CA ASN A 21 -9.09 4.39 2.43
C ASN A 21 -10.33 3.78 1.80
N HIS A 22 -10.26 2.48 1.50
CA HIS A 22 -11.38 1.77 0.90
C HIS A 22 -12.60 1.80 1.82
N VAL A 23 -12.35 1.71 3.12
CA VAL A 23 -13.41 1.72 4.12
C VAL A 23 -14.31 2.95 3.93
N GLN A 24 -13.73 4.02 3.40
CA GLN A 24 -14.48 5.25 3.18
C GLN A 24 -15.01 5.32 1.75
N GLY A 1 9.10 2.29 -12.37
CA GLY A 1 10.11 2.01 -11.36
C GLY A 1 10.02 2.97 -10.19
N LEU A 2 8.84 3.11 -9.61
CA LEU A 2 8.63 3.99 -8.48
C LEU A 2 9.16 3.37 -7.19
N ASN A 3 10.19 3.97 -6.62
CA ASN A 3 10.78 3.47 -5.38
C ASN A 3 9.71 3.28 -4.31
N ALA A 4 8.73 4.18 -4.28
CA ALA A 4 7.66 4.11 -3.31
C ALA A 4 6.80 2.86 -3.53
N LEU A 5 6.43 2.62 -4.78
CA LEU A 5 5.61 1.45 -5.12
C LEU A 5 6.35 0.16 -4.79
N LYS A 6 7.65 0.14 -5.05
CA LYS A 6 8.47 -1.04 -4.77
C LYS A 6 8.75 -1.17 -3.28
N LYS A 7 8.74 -0.04 -2.57
CA LYS A 7 8.99 -0.03 -1.15
C LYS A 7 7.72 -0.37 -0.36
N VAL A 8 6.58 -0.13 -0.98
CA VAL A 8 5.29 -0.41 -0.34
C VAL A 8 4.74 -1.75 -0.82
N PHE A 9 5.18 -2.19 -2.00
CA PHE A 9 4.72 -3.45 -2.56
C PHE A 9 5.07 -4.61 -1.65
N GLN A 10 6.35 -4.69 -1.27
CA GLN A 10 6.81 -5.77 -0.40
C GLN A 10 5.96 -5.86 0.86
N PRO A 11 5.94 -4.78 1.64
CA PRO A 11 5.15 -4.70 2.88
C PRO A 11 3.65 -4.69 2.63
N ILE A 12 2.88 -5.01 3.65
CA ILE A 12 1.42 -5.02 3.53
C ILE A 12 0.84 -3.64 3.80
N HIS A 13 1.72 -2.64 3.93
CA HIS A 13 1.28 -1.28 4.18
C HIS A 13 0.28 -0.82 3.14
N GLU A 14 0.57 -1.09 1.87
CA GLU A 14 -0.31 -0.71 0.78
C GLU A 14 -1.71 -1.26 1.00
N ALA A 15 -1.80 -2.54 1.33
CA ALA A 15 -3.09 -3.19 1.57
C ALA A 15 -3.78 -2.59 2.78
N ILE A 16 -3.00 -2.20 3.78
CA ILE A 16 -3.54 -1.61 5.00
C ILE A 16 -4.24 -0.29 4.70
N LYS A 17 -3.47 0.69 4.25
CA LYS A 17 -4.00 2.00 3.92
C LYS A 17 -5.10 1.90 2.88
N LEU A 18 -4.94 0.95 1.95
CA LEU A 18 -5.92 0.74 0.89
C LEU A 18 -7.28 0.38 1.46
N ILE A 19 -7.35 -0.79 2.11
CA ILE A 19 -8.60 -1.25 2.71
C ILE A 19 -9.05 -0.32 3.82
N ASN A 20 -8.10 0.40 4.42
CA ASN A 20 -8.40 1.33 5.49
C ASN A 20 -9.25 2.50 4.98
N ASN A 21 -8.81 3.09 3.89
CA ASN A 21 -9.52 4.23 3.30
C ASN A 21 -10.62 3.74 2.35
N HIS A 22 -10.55 2.46 1.97
CA HIS A 22 -11.54 1.87 1.08
C HIS A 22 -12.76 1.39 1.86
N VAL A 23 -12.54 1.00 3.12
CA VAL A 23 -13.61 0.52 3.97
C VAL A 23 -14.75 1.53 4.04
N GLN A 24 -14.41 2.81 3.91
CA GLN A 24 -15.41 3.88 3.97
C GLN A 24 -15.16 4.89 2.86
N GLY A 1 7.18 3.57 -11.67
CA GLY A 1 8.34 3.17 -10.90
C GLY A 1 8.46 3.94 -9.60
N LEU A 2 7.36 4.04 -8.86
CA LEU A 2 7.34 4.76 -7.60
C LEU A 2 8.01 3.94 -6.51
N ASN A 3 9.13 4.44 -6.00
CA ASN A 3 9.88 3.76 -4.94
C ASN A 3 8.96 3.41 -3.78
N ALA A 4 8.02 4.30 -3.48
CA ALA A 4 7.08 4.09 -2.40
C ALA A 4 6.17 2.90 -2.68
N LEU A 5 5.65 2.83 -3.90
CA LEU A 5 4.77 1.74 -4.29
C LEU A 5 5.50 0.40 -4.25
N LYS A 6 6.75 0.40 -4.70
CA LYS A 6 7.55 -0.81 -4.71
C LYS A 6 8.05 -1.15 -3.30
N LYS A 7 8.17 -0.13 -2.46
CA LYS A 7 8.62 -0.32 -1.09
C LYS A 7 7.48 -0.81 -0.21
N VAL A 8 6.25 -0.44 -0.57
CA VAL A 8 5.08 -0.84 0.20
C VAL A 8 4.44 -2.09 -0.40
N PHE A 9 4.68 -2.32 -1.69
CA PHE A 9 4.14 -3.49 -2.37
C PHE A 9 4.60 -4.78 -1.70
N GLN A 10 5.91 -4.90 -1.52
CA GLN A 10 6.50 -6.09 -0.91
C GLN A 10 5.81 -6.39 0.43
N PRO A 11 5.90 -5.43 1.36
CA PRO A 11 5.31 -5.58 2.69
C PRO A 11 3.78 -5.53 2.65
N ILE A 12 3.17 -5.59 3.83
CA ILE A 12 1.71 -5.55 3.92
C ILE A 12 1.19 -4.12 3.92
N HIS A 13 2.11 -3.16 3.79
CA HIS A 13 1.75 -1.75 3.77
C HIS A 13 0.69 -1.48 2.71
N GLU A 14 0.82 -2.14 1.56
CA GLU A 14 -0.11 -1.97 0.46
C GLU A 14 -1.51 -2.44 0.86
N ALA A 15 -1.57 -3.55 1.59
CA ALA A 15 -2.84 -4.10 2.04
C ALA A 15 -3.54 -3.16 3.02
N ILE A 16 -2.81 -2.75 4.06
CA ILE A 16 -3.37 -1.85 5.06
C ILE A 16 -3.87 -0.55 4.42
N LYS A 17 -3.01 0.08 3.63
CA LYS A 17 -3.36 1.32 2.94
C LYS A 17 -4.50 1.10 1.96
N LEU A 18 -4.54 -0.09 1.36
CA LEU A 18 -5.57 -0.43 0.39
C LEU A 18 -6.96 -0.41 1.04
N ILE A 19 -7.11 -1.19 2.10
CA ILE A 19 -8.38 -1.26 2.82
C ILE A 19 -8.67 0.06 3.55
N ASN A 20 -7.65 0.60 4.20
CA ASN A 20 -7.80 1.86 4.93
C ASN A 20 -8.35 2.96 4.03
N ASN A 21 -7.82 3.02 2.82
CA ASN A 21 -8.26 4.03 1.85
C ASN A 21 -9.53 3.59 1.14
N HIS A 22 -9.71 2.27 1.03
CA HIS A 22 -10.89 1.72 0.36
C HIS A 22 -12.14 1.97 1.20
N VAL A 23 -12.01 1.83 2.52
CA VAL A 23 -13.13 2.03 3.43
C VAL A 23 -13.76 3.40 3.22
N GLN A 24 -12.96 4.36 2.78
CA GLN A 24 -13.43 5.72 2.53
C GLN A 24 -12.44 6.51 1.69
N GLY A 1 10.54 2.58 -11.24
CA GLY A 1 9.15 2.83 -10.93
C GLY A 1 8.99 3.61 -9.64
N LEU A 2 7.74 3.86 -9.25
CA LEU A 2 7.46 4.60 -8.03
C LEU A 2 8.08 3.92 -6.82
N ASN A 3 9.12 4.54 -6.27
CA ASN A 3 9.81 4.00 -5.10
C ASN A 3 8.82 3.67 -3.99
N ALA A 4 7.81 4.51 -3.84
CA ALA A 4 6.79 4.30 -2.81
C ALA A 4 6.04 2.99 -3.04
N LEU A 5 5.59 2.78 -4.27
CA LEU A 5 4.86 1.56 -4.61
C LEU A 5 5.74 0.32 -4.44
N LYS A 6 7.02 0.48 -4.76
CA LYS A 6 7.98 -0.62 -4.64
C LYS A 6 8.38 -0.84 -3.19
N LYS A 7 8.22 0.20 -2.37
CA LYS A 7 8.57 0.12 -0.96
C LYS A 7 7.41 -0.43 -0.14
N VAL A 8 6.19 -0.20 -0.64
CA VAL A 8 4.99 -0.68 0.05
C VAL A 8 4.55 -2.03 -0.50
N PHE A 9 4.93 -2.30 -1.75
CA PHE A 9 4.57 -3.56 -2.39
C PHE A 9 5.06 -4.75 -1.58
N GLN A 10 6.36 -4.75 -1.27
CA GLN A 10 6.96 -5.82 -0.50
C GLN A 10 6.18 -6.09 0.78
N PRO A 11 6.09 -5.06 1.64
CA PRO A 11 5.37 -5.17 2.91
C PRO A 11 3.87 -5.26 2.72
N ILE A 12 3.14 -5.42 3.82
CA ILE A 12 1.68 -5.52 3.77
C ILE A 12 1.03 -4.14 3.79
N HIS A 13 1.87 -3.11 3.71
CA HIS A 13 1.38 -1.73 3.71
C HIS A 13 0.31 -1.53 2.65
N GLU A 14 0.49 -2.20 1.51
CA GLU A 14 -0.46 -2.09 0.41
C GLU A 14 -1.85 -2.54 0.84
N ALA A 15 -1.93 -3.74 1.40
CA ALA A 15 -3.20 -4.29 1.86
C ALA A 15 -3.85 -3.38 2.90
N ILE A 16 -3.07 -2.99 3.90
CA ILE A 16 -3.56 -2.13 4.96
C ILE A 16 -4.05 -0.80 4.40
N LYS A 17 -3.15 -0.09 3.73
CA LYS A 17 -3.48 1.20 3.13
C LYS A 17 -4.66 1.08 2.18
N LEU A 18 -4.79 -0.09 1.55
CA LEU A 18 -5.87 -0.34 0.60
C LEU A 18 -7.22 -0.35 1.32
N ILE A 19 -7.35 -1.22 2.32
CA ILE A 19 -8.59 -1.33 3.08
C ILE A 19 -8.83 -0.07 3.92
N ASN A 20 -7.75 0.59 4.30
CA ASN A 20 -7.84 1.81 5.09
C ASN A 20 -8.40 2.96 4.27
N ASN A 21 -7.94 3.07 3.02
CA ASN A 21 -8.41 4.12 2.13
C ASN A 21 -9.70 3.72 1.43
N HIS A 22 -9.96 2.42 1.39
CA HIS A 22 -11.16 1.90 0.74
C HIS A 22 -12.36 1.97 1.69
N VAL A 23 -12.10 1.76 2.97
CA VAL A 23 -13.15 1.80 3.98
C VAL A 23 -13.89 3.14 3.95
N GLN A 24 -13.22 4.17 3.44
CA GLN A 24 -13.80 5.50 3.36
C GLN A 24 -15.16 5.45 2.66
N GLY A 1 8.88 2.13 -12.31
CA GLY A 1 9.92 1.86 -11.33
C GLY A 1 9.86 2.82 -10.15
N LEU A 2 8.67 3.00 -9.60
CA LEU A 2 8.48 3.88 -8.46
C LEU A 2 9.01 3.23 -7.18
N ASN A 3 10.05 3.82 -6.61
CA ASN A 3 10.64 3.31 -5.38
C ASN A 3 9.58 3.12 -4.30
N ALA A 4 8.61 4.03 -4.26
CA ALA A 4 7.53 3.96 -3.30
C ALA A 4 6.68 2.71 -3.51
N LEU A 5 6.29 2.47 -4.76
CA LEU A 5 5.47 1.32 -5.09
C LEU A 5 6.20 0.02 -4.78
N LYS A 6 7.50 0.00 -5.05
CA LYS A 6 8.31 -1.18 -4.80
C LYS A 6 8.61 -1.33 -3.31
N LYS A 7 8.61 -0.21 -2.60
CA LYS A 7 8.87 -0.22 -1.16
C LYS A 7 7.62 -0.57 -0.38
N VAL A 8 6.45 -0.29 -0.97
CA VAL A 8 5.18 -0.59 -0.33
C VAL A 8 4.61 -1.92 -0.81
N PHE A 9 5.02 -2.33 -2.01
CA PHE A 9 4.56 -3.59 -2.58
C PHE A 9 4.93 -4.77 -1.68
N GLN A 10 6.21 -4.85 -1.31
CA GLN A 10 6.69 -5.93 -0.46
C GLN A 10 5.84 -6.04 0.80
N PRO A 11 5.80 -4.96 1.59
CA PRO A 11 5.03 -4.91 2.84
C PRO A 11 3.54 -4.89 2.59
N ILE A 12 2.76 -5.22 3.63
CA ILE A 12 1.31 -5.23 3.52
C ILE A 12 0.72 -3.84 3.77
N HIS A 13 1.60 -2.85 3.90
CA HIS A 13 1.17 -1.48 4.15
C HIS A 13 0.16 -1.03 3.09
N GLU A 14 0.46 -1.33 1.83
CA GLU A 14 -0.43 -0.96 0.73
C GLU A 14 -1.83 -1.47 0.96
N ALA A 15 -1.95 -2.74 1.33
CA ALA A 15 -3.25 -3.35 1.59
C ALA A 15 -3.93 -2.71 2.79
N ILE A 16 -3.15 -2.40 3.82
CA ILE A 16 -3.68 -1.78 5.03
C ILE A 16 -4.35 -0.45 4.71
N LYS A 17 -3.54 0.52 4.26
CA LYS A 17 -4.05 1.84 3.92
C LYS A 17 -5.15 1.74 2.88
N LEU A 18 -4.99 0.83 1.92
CA LEU A 18 -5.97 0.65 0.87
C LEU A 18 -7.36 0.37 1.45
N ILE A 19 -7.48 -0.75 2.15
CA ILE A 19 -8.75 -1.13 2.77
C ILE A 19 -9.16 -0.12 3.83
N ASN A 20 -8.17 0.49 4.48
CA ASN A 20 -8.44 1.48 5.51
C ASN A 20 -9.27 2.63 4.97
N ASN A 21 -8.86 3.17 3.83
CA ASN A 21 -9.58 4.28 3.21
C ASN A 21 -10.73 3.76 2.35
N HIS A 22 -10.59 2.53 1.86
CA HIS A 22 -11.61 1.93 1.02
C HIS A 22 -12.93 1.77 1.79
N VAL A 23 -12.82 1.32 3.04
CA VAL A 23 -13.99 1.12 3.89
C VAL A 23 -14.82 2.40 3.98
N GLN A 24 -14.17 3.54 3.80
CA GLN A 24 -14.84 4.83 3.87
C GLN A 24 -15.37 5.23 2.50
#